data_7WNJ
#
_entry.id   7WNJ
#
_cell.length_a   35.722
_cell.length_b   91.554
_cell.length_c   98.370
_cell.angle_alpha   90.000
_cell.angle_beta   90.000
_cell.angle_gamma   90.000
#
_symmetry.space_group_name_H-M   'P 2 21 21'
#
loop_
_entity.id
_entity.type
_entity.pdbx_description
1 polymer 'Core protein'
2 non-polymer S-ADENOSYL-L-HOMOCYSTEINE
3 water water
#
_entity_poly.entity_id   1
_entity_poly.type   'polypeptide(L)'
_entity_poly.pdbx_seq_one_letter_code
;GGSEGDTLGDMWKARLNSCTKEEFFAYRRAGVMETDREKARELLKRGETNMGLAVSRGTSKLAWMEERGYVTLKGEVVDL
GCGRGGWSYYAASRPAVMSVRAYTIGGKGHESPRMVTSLGWNLIKFRAGMDVFSMEPHRADAILCDIGESNPDAVVEGER
SRRVILLMEQWKNRNPTATCVFKVLAPYRPEVIEALHRFQLQWGGGLVRTPFSRNSTHEMYFSTAITGNIVNSVNIQSRK
LLARFGDQRGPTRVPEIDLGVGTRCV
;
_entity_poly.pdbx_strand_id   A
#
# COMPACT_ATOMS: atom_id res chain seq x y z
N GLY A 5 -18.08 11.28 -13.35
CA GLY A 5 -18.20 11.63 -11.94
C GLY A 5 -18.07 13.12 -11.70
N ASP A 6 -18.65 13.61 -10.61
CA ASP A 6 -18.62 15.04 -10.35
C ASP A 6 -17.97 15.33 -9.02
N THR A 7 -16.77 14.81 -8.83
CA THR A 7 -15.96 15.13 -7.66
C THR A 7 -14.67 15.79 -8.12
N LEU A 8 -13.98 16.42 -7.17
CA LEU A 8 -12.66 16.95 -7.46
C LEU A 8 -11.71 15.85 -7.90
N GLY A 9 -11.84 14.65 -7.34
CA GLY A 9 -10.98 13.55 -7.76
C GLY A 9 -11.20 13.15 -9.20
N ASP A 10 -12.45 13.22 -9.67
CA ASP A 10 -12.72 12.94 -11.07
C ASP A 10 -12.11 14.00 -11.98
N MET A 11 -12.12 15.26 -11.53
CA MET A 11 -11.45 16.31 -12.29
C MET A 11 -9.96 16.05 -12.39
N TRP A 12 -9.34 15.67 -11.28
CA TRP A 12 -7.92 15.31 -11.28
C TRP A 12 -7.65 14.18 -12.27
N LYS A 13 -8.49 13.14 -12.27
CA LYS A 13 -8.27 12.01 -13.18
C LYS A 13 -8.37 12.45 -14.63
N ALA A 14 -9.33 13.33 -14.94
CA ALA A 14 -9.48 13.80 -16.32
C ALA A 14 -8.30 14.66 -16.74
N ARG A 15 -7.77 15.49 -15.82
CA ARG A 15 -6.58 16.27 -16.14
C ARG A 15 -5.38 15.36 -16.34
N LEU A 16 -5.24 14.34 -15.48
CA LEU A 16 -4.13 13.39 -15.61
C LEU A 16 -4.20 12.65 -16.93
N ASN A 17 -5.40 12.21 -17.34
CA ASN A 17 -5.54 11.48 -18.58
C ASN A 17 -5.27 12.36 -19.81
N SER A 18 -5.51 13.66 -19.73
CA SER A 18 -5.32 14.53 -20.89
C SER A 18 -3.92 15.11 -20.98
N CYS A 19 -3.02 14.75 -20.06
CA CYS A 19 -1.65 15.22 -20.11
C CYS A 19 -0.93 14.67 -21.34
N THR A 20 -0.05 15.48 -21.91
CA THR A 20 0.94 14.95 -22.83
C THR A 20 1.97 14.14 -22.03
N LYS A 21 2.72 13.30 -22.76
CA LYS A 21 3.74 12.48 -22.11
C LYS A 21 4.72 13.33 -21.31
N GLU A 22 5.16 14.46 -21.88
CA GLU A 22 6.05 15.35 -21.16
C GLU A 22 5.36 15.96 -19.94
N GLU A 23 4.09 16.35 -20.08
CA GLU A 23 3.33 16.85 -18.94
C GLU A 23 3.22 15.77 -17.87
N PHE A 24 2.96 14.53 -18.27
CA PHE A 24 2.82 13.45 -17.29
C PHE A 24 4.11 13.23 -16.52
N PHE A 25 5.25 13.13 -17.21
CA PHE A 25 6.51 12.89 -16.51
C PHE A 25 6.91 14.10 -15.67
N ALA A 26 6.55 15.31 -16.10
CA ALA A 26 6.84 16.49 -15.30
C ALA A 26 5.97 16.56 -14.06
N TYR A 27 4.78 15.97 -14.11
CA TYR A 27 3.80 16.04 -13.04
C TYR A 27 3.98 14.96 -11.99
N ARG A 28 4.26 13.73 -12.41
CA ARG A 28 4.01 12.57 -11.56
C ARG A 28 4.85 12.57 -10.28
N ARG A 29 6.04 13.18 -10.31
CA ARG A 29 6.90 13.13 -9.14
C ARG A 29 7.15 14.50 -8.51
N ALA A 30 6.41 15.53 -8.92
CA ALA A 30 6.65 16.88 -8.43
C ALA A 30 6.31 16.98 -6.95
N GLY A 31 7.31 17.30 -6.13
CA GLY A 31 7.12 17.37 -4.70
C GLY A 31 6.90 16.03 -4.03
N VAL A 32 7.12 14.94 -4.73
CA VAL A 32 6.87 13.61 -4.19
C VAL A 32 8.16 13.08 -3.58
N MET A 33 8.04 12.44 -2.41
CA MET A 33 9.17 11.81 -1.76
C MET A 33 9.50 10.49 -2.44
N GLU A 34 10.79 10.27 -2.72
CA GLU A 34 11.20 9.13 -3.54
C GLU A 34 12.46 8.49 -2.96
N THR A 35 12.41 7.20 -2.66
CA THR A 35 13.61 6.55 -2.15
C THR A 35 14.59 6.29 -3.28
N ASP A 36 15.89 6.40 -2.94
CA ASP A 36 16.97 6.18 -3.89
C ASP A 36 17.19 4.67 -4.02
N ARG A 37 16.79 4.09 -5.15
CA ARG A 37 16.81 2.64 -5.32
C ARG A 37 17.89 2.17 -6.29
N GLU A 38 18.88 3.01 -6.59
CA GLU A 38 19.94 2.59 -7.50
C GLU A 38 20.68 1.37 -6.98
N LYS A 39 21.03 1.37 -5.69
CA LYS A 39 21.78 0.26 -5.12
C LYS A 39 20.89 -0.95 -4.90
N ALA A 40 19.64 -0.73 -4.46
CA ALA A 40 18.71 -1.85 -4.29
C ALA A 40 18.44 -2.55 -5.61
N ARG A 41 18.27 -1.79 -6.69
CA ARG A 41 18.04 -2.40 -7.99
C ARG A 41 19.25 -3.20 -8.46
N GLU A 42 20.47 -2.71 -8.16
CA GLU A 42 21.68 -3.42 -8.55
C GLU A 42 21.78 -4.76 -7.82
N LEU A 43 21.41 -4.80 -6.54
CA LEU A 43 21.44 -6.07 -5.81
C LEU A 43 20.39 -7.03 -6.33
N LEU A 44 19.19 -6.53 -6.59
CA LEU A 44 18.11 -7.37 -7.11
C LEU A 44 18.41 -7.87 -8.52
N LYS A 45 19.08 -7.05 -9.33
CA LYS A 45 19.47 -7.49 -10.66
C LYS A 45 20.49 -8.62 -10.57
N ARG A 46 21.43 -8.53 -9.62
CA ARG A 46 22.42 -9.58 -9.40
C ARG A 46 21.83 -10.81 -8.73
N GLY A 47 20.61 -10.72 -8.23
CA GLY A 47 20.02 -11.80 -7.45
C GLY A 47 20.68 -12.04 -6.12
N GLU A 48 21.19 -10.97 -5.49
CA GLU A 48 21.76 -11.09 -4.16
C GLU A 48 20.66 -11.46 -3.16
N THR A 49 20.90 -12.51 -2.38
CA THR A 49 19.94 -12.91 -1.35
C THR A 49 20.17 -12.20 -0.03
N ASN A 50 21.41 -11.82 0.25
CA ASN A 50 21.77 -11.24 1.55
C ASN A 50 21.65 -9.72 1.43
N MET A 51 20.41 -9.23 1.49
CA MET A 51 20.22 -7.80 1.44
C MET A 51 19.05 -7.41 2.33
N GLY A 52 19.23 -6.31 3.07
CA GLY A 52 18.18 -5.78 3.91
C GLY A 52 17.53 -4.53 3.33
N LEU A 53 18.10 -4.01 2.24
CA LEU A 53 17.44 -2.92 1.54
C LEU A 53 16.10 -3.40 1.00
N ALA A 54 15.13 -2.48 0.95
CA ALA A 54 13.77 -2.83 0.57
C ALA A 54 13.72 -3.49 -0.79
N VAL A 55 12.88 -4.53 -0.91
CA VAL A 55 12.71 -5.18 -2.22
C VAL A 55 11.79 -4.39 -3.13
N SER A 56 11.08 -3.39 -2.61
CA SER A 56 10.20 -2.57 -3.43
C SER A 56 10.03 -1.22 -2.77
N ARG A 57 9.33 -0.32 -3.49
CA ARG A 57 8.97 0.97 -2.91
C ARG A 57 7.89 0.83 -1.84
N GLY A 58 7.33 -0.36 -1.64
CA GLY A 58 6.28 -0.54 -0.65
C GLY A 58 6.78 -0.47 0.78
N THR A 59 8.00 -0.93 1.04
CA THR A 59 8.49 -1.05 2.41
C THR A 59 8.50 0.32 3.09
N SER A 60 9.04 1.33 2.42
CA SER A 60 9.12 2.66 3.03
C SER A 60 7.74 3.26 3.29
N LYS A 61 6.72 2.92 2.50
CA LYS A 61 5.39 3.45 2.75
C LYS A 61 4.78 2.86 4.02
N LEU A 62 4.90 1.54 4.19
CA LEU A 62 4.43 0.94 5.43
C LEU A 62 5.24 1.43 6.62
N ALA A 63 6.56 1.60 6.43
CA ALA A 63 7.40 2.13 7.50
C ALA A 63 6.96 3.55 7.88
N TRP A 64 6.65 4.37 6.88
CA TRP A 64 6.21 5.73 7.16
C TRP A 64 4.98 5.73 8.04
N MET A 65 4.07 4.78 7.82
CA MET A 65 2.87 4.69 8.66
C MET A 65 3.18 4.13 10.04
N GLU A 66 4.03 3.11 10.12
CA GLU A 66 4.39 2.53 11.41
C GLU A 66 5.13 3.55 12.29
N GLU A 67 6.11 4.24 11.71
CA GLU A 67 6.93 5.16 12.52
C GLU A 67 6.12 6.30 13.11
N ARG A 68 4.98 6.61 12.51
CA ARG A 68 4.12 7.69 12.97
C ARG A 68 2.99 7.19 13.86
N GLY A 69 2.91 5.89 14.08
CA GLY A 69 1.83 5.33 14.86
C GLY A 69 0.51 5.22 14.15
N TYR A 70 0.50 5.38 12.81
CA TYR A 70 -0.72 5.20 12.06
C TYR A 70 -1.05 3.72 11.84
N VAL A 71 -0.07 2.84 12.11
CA VAL A 71 -0.27 1.40 12.27
C VAL A 71 0.79 0.94 13.26
N THR A 72 0.50 -0.14 14.01
CA THR A 72 1.46 -0.71 14.96
C THR A 72 1.39 -2.24 14.82
N LEU A 73 2.32 -2.80 14.06
CA LEU A 73 2.28 -4.21 13.70
C LEU A 73 2.73 -5.09 14.87
N LYS A 74 1.93 -6.12 15.18
CA LYS A 74 2.29 -7.07 16.23
C LYS A 74 1.53 -8.37 16.02
N GLY A 75 2.07 -9.44 16.60
CA GLY A 75 1.37 -10.73 16.56
C GLY A 75 1.48 -11.43 15.22
N GLU A 76 0.40 -12.09 14.82
CA GLU A 76 0.33 -12.77 13.53
C GLU A 76 -0.16 -11.81 12.46
N VAL A 77 0.69 -11.53 11.47
CA VAL A 77 0.39 -10.61 10.39
C VAL A 77 -0.01 -11.40 9.16
N VAL A 78 -1.02 -10.93 8.45
CA VAL A 78 -1.36 -11.45 7.13
C VAL A 78 -1.20 -10.32 6.12
N ASP A 79 -0.52 -10.61 5.01
CA ASP A 79 -0.22 -9.66 3.93
C ASP A 79 -0.91 -10.16 2.66
N LEU A 80 -2.02 -9.53 2.31
CA LEU A 80 -2.86 -9.94 1.18
C LEU A 80 -2.44 -9.18 -0.06
N GLY A 81 -1.90 -9.88 -1.04
CA GLY A 81 -1.36 -9.24 -2.22
C GLY A 81 0.06 -8.77 -1.98
N CYS A 82 0.95 -9.70 -1.59
CA CYS A 82 2.25 -9.27 -1.10
C CYS A 82 3.22 -8.87 -2.21
N GLY A 83 2.97 -9.30 -3.45
CA GLY A 83 3.89 -8.99 -4.53
C GLY A 83 5.31 -9.46 -4.21
N ARG A 84 6.28 -8.57 -4.41
CA ARG A 84 7.67 -8.88 -4.07
C ARG A 84 7.87 -9.13 -2.57
N GLY A 85 7.00 -8.57 -1.74
CA GLY A 85 7.02 -8.81 -0.32
C GLY A 85 7.51 -7.64 0.54
N GLY A 86 7.51 -6.42 0.00
CA GLY A 86 8.06 -5.30 0.74
C GLY A 86 7.38 -5.05 2.07
N TRP A 87 6.05 -5.24 2.13
CA TRP A 87 5.33 -5.10 3.38
C TRP A 87 5.54 -6.31 4.29
N SER A 88 5.66 -7.50 3.69
CA SER A 88 5.91 -8.69 4.49
C SER A 88 7.28 -8.65 5.15
N TYR A 89 8.30 -8.21 4.40
CA TYR A 89 9.62 -8.05 4.99
C TYR A 89 9.64 -6.94 6.04
N TYR A 90 8.94 -5.83 5.79
CA TYR A 90 8.87 -4.81 6.82
C TYR A 90 8.26 -5.38 8.09
N ALA A 91 7.14 -6.09 7.97
CA ALA A 91 6.46 -6.62 9.15
C ALA A 91 7.35 -7.64 9.87
N ALA A 92 8.01 -8.52 9.12
CA ALA A 92 8.87 -9.53 9.73
C ALA A 92 10.03 -8.92 10.50
N SER A 93 10.44 -7.70 10.17
CA SER A 93 11.55 -7.05 10.86
C SER A 93 11.14 -6.39 12.17
N ARG A 94 9.82 -6.24 12.42
CA ARG A 94 9.34 -5.60 13.65
C ARG A 94 9.44 -6.58 14.82
N PRO A 95 10.13 -6.21 15.91
CA PRO A 95 10.25 -7.14 17.05
C PRO A 95 8.93 -7.66 17.59
N ALA A 96 7.85 -6.88 17.48
CA ALA A 96 6.56 -7.28 18.04
C ALA A 96 5.81 -8.27 17.16
N VAL A 97 6.27 -8.52 15.94
CA VAL A 97 5.58 -9.42 15.02
C VAL A 97 6.16 -10.82 15.18
N MET A 98 5.28 -11.82 15.31
CA MET A 98 5.68 -13.20 15.53
C MET A 98 5.69 -14.04 14.25
N SER A 99 4.86 -13.72 13.28
CA SER A 99 4.77 -14.48 12.04
C SER A 99 4.08 -13.62 11.00
N VAL A 100 4.39 -13.89 9.73
CA VAL A 100 3.74 -13.25 8.59
C VAL A 100 3.29 -14.33 7.64
N ARG A 101 2.01 -14.33 7.28
CA ARG A 101 1.50 -15.18 6.20
C ARG A 101 1.19 -14.27 5.03
N ALA A 102 1.94 -14.45 3.94
CA ALA A 102 1.91 -13.54 2.79
C ALA A 102 1.39 -14.28 1.57
N TYR A 103 0.42 -13.67 0.88
CA TYR A 103 -0.26 -14.31 -0.23
C TYR A 103 -0.19 -13.42 -1.45
N THR A 104 0.07 -14.01 -2.62
CA THR A 104 0.02 -13.21 -3.84
C THR A 104 -0.21 -14.13 -5.03
N ILE A 105 -0.75 -13.57 -6.11
CA ILE A 105 -1.10 -14.41 -7.25
C ILE A 105 0.16 -14.78 -8.06
N GLY A 106 1.07 -13.83 -8.26
CA GLY A 106 2.42 -14.11 -8.76
C GLY A 106 2.45 -14.67 -10.17
N GLY A 107 3.52 -15.43 -10.44
CA GLY A 107 3.73 -16.02 -11.75
C GLY A 107 4.26 -15.01 -12.76
N LYS A 108 4.16 -15.38 -14.03
CA LYS A 108 4.46 -14.46 -15.12
C LYS A 108 3.32 -13.44 -15.26
N GLY A 109 3.66 -12.16 -15.35
CA GLY A 109 2.69 -11.10 -15.44
C GLY A 109 2.45 -10.34 -14.15
N HIS A 110 2.71 -10.96 -13.00
CA HIS A 110 2.57 -10.31 -11.70
C HIS A 110 3.86 -10.52 -10.90
N GLU A 111 4.06 -9.67 -9.90
CA GLU A 111 5.28 -9.74 -9.11
C GLU A 111 5.26 -10.95 -8.20
N SER A 112 6.36 -11.75 -8.25
CA SER A 112 6.58 -12.89 -7.38
C SER A 112 7.38 -12.46 -6.16
N PRO A 113 7.19 -13.11 -5.01
CA PRO A 113 8.02 -12.77 -3.86
C PRO A 113 9.51 -12.86 -4.19
N ARG A 114 10.25 -11.84 -3.75
CA ARG A 114 11.70 -11.83 -3.84
C ARG A 114 12.26 -12.50 -2.59
N MET A 115 13.09 -13.52 -2.78
CA MET A 115 13.61 -14.32 -1.67
C MET A 115 14.93 -13.72 -1.21
N VAL A 116 14.89 -13.00 -0.08
CA VAL A 116 16.07 -12.39 0.52
C VAL A 116 16.07 -12.70 2.01
N THR A 117 17.24 -12.50 2.65
CA THR A 117 17.37 -12.75 4.08
C THR A 117 17.27 -11.45 4.89
N SER A 118 16.48 -10.49 4.41
CA SER A 118 16.07 -9.34 5.22
C SER A 118 15.63 -9.80 6.60
N LEU A 119 15.92 -8.98 7.61
CA LEU A 119 15.76 -9.37 9.01
C LEU A 119 14.38 -9.99 9.27
N GLY A 120 14.38 -11.21 9.81
CA GLY A 120 13.14 -11.90 10.10
C GLY A 120 12.53 -12.66 8.95
N TRP A 121 13.22 -12.75 7.81
CA TRP A 121 12.69 -13.42 6.64
C TRP A 121 12.12 -14.80 6.94
N ASN A 122 12.74 -15.52 7.87
CA ASN A 122 12.35 -16.90 8.18
C ASN A 122 10.98 -16.99 8.85
N LEU A 123 10.44 -15.87 9.34
CA LEU A 123 9.11 -15.84 9.94
C LEU A 123 8.01 -15.67 8.93
N ILE A 124 8.34 -15.47 7.66
CA ILE A 124 7.35 -15.25 6.61
C ILE A 124 7.06 -16.59 5.93
N LYS A 125 5.79 -16.91 5.83
CA LYS A 125 5.29 -18.03 5.03
C LYS A 125 4.71 -17.41 3.75
N PHE A 126 5.49 -17.45 2.68
CA PHE A 126 5.04 -16.95 1.38
C PHE A 126 4.22 -18.03 0.68
N ARG A 127 3.06 -17.65 0.15
CA ARG A 127 2.26 -18.54 -0.70
C ARG A 127 1.89 -17.80 -1.97
N ALA A 128 2.53 -18.16 -3.08
CA ALA A 128 2.18 -17.60 -4.37
C ALA A 128 1.13 -18.47 -5.06
N GLY A 129 0.64 -17.99 -6.20
CA GLY A 129 -0.40 -18.71 -6.90
C GLY A 129 -1.76 -18.63 -6.23
N MET A 130 -1.94 -17.68 -5.33
CA MET A 130 -3.11 -17.59 -4.47
C MET A 130 -3.97 -16.38 -4.87
N ASP A 131 -5.27 -16.61 -5.09
CA ASP A 131 -6.22 -15.51 -5.27
C ASP A 131 -6.85 -15.19 -3.92
N VAL A 132 -6.48 -14.03 -3.35
CA VAL A 132 -6.95 -13.74 -2.01
C VAL A 132 -8.43 -13.40 -1.99
N PHE A 133 -9.01 -13.03 -3.14
CA PHE A 133 -10.43 -12.68 -3.15
C PHE A 133 -11.33 -13.90 -3.04
N SER A 134 -10.84 -15.09 -3.40
CA SER A 134 -11.61 -16.31 -3.23
C SER A 134 -11.04 -17.21 -2.14
N MET A 135 -10.12 -16.70 -1.32
CA MET A 135 -9.51 -17.47 -0.24
C MET A 135 -10.25 -17.22 1.07
N GLU A 136 -10.43 -18.30 1.84
CA GLU A 136 -11.17 -18.20 3.10
C GLU A 136 -10.30 -17.52 4.17
N PRO A 137 -10.83 -16.51 4.86
CA PRO A 137 -10.05 -15.86 5.94
C PRO A 137 -9.74 -16.81 7.07
N HIS A 138 -8.66 -16.51 7.78
CA HIS A 138 -8.26 -17.27 8.97
C HIS A 138 -7.80 -16.29 10.04
N ARG A 139 -7.27 -16.82 11.13
CA ARG A 139 -6.89 -15.98 12.27
C ARG A 139 -5.76 -15.05 11.90
N ALA A 140 -5.84 -13.82 12.41
CA ALA A 140 -4.79 -12.82 12.23
C ALA A 140 -4.94 -11.75 13.30
N ASP A 141 -3.80 -11.19 13.73
CA ASP A 141 -3.79 -10.03 14.60
C ASP A 141 -3.73 -8.72 13.82
N ALA A 142 -3.11 -8.75 12.63
CA ALA A 142 -2.99 -7.59 11.77
C ALA A 142 -3.23 -8.00 10.32
N ILE A 143 -4.11 -7.30 9.65
CA ILE A 143 -4.50 -7.59 8.27
C ILE A 143 -3.98 -6.45 7.40
N LEU A 144 -3.11 -6.77 6.44
CA LEU A 144 -2.58 -5.81 5.48
C LEU A 144 -3.01 -6.16 4.07
N CYS A 145 -3.29 -5.15 3.26
CA CYS A 145 -3.64 -5.37 1.86
C CYS A 145 -3.22 -4.17 1.04
N ASP A 146 -2.28 -4.36 0.11
CA ASP A 146 -1.80 -3.27 -0.72
C ASP A 146 -2.22 -3.47 -2.17
N ILE A 147 -3.44 -3.98 -2.37
CA ILE A 147 -3.93 -4.31 -3.71
C ILE A 147 -4.65 -3.11 -4.29
N GLY A 148 -4.40 -2.86 -5.58
CA GLY A 148 -5.15 -1.87 -6.32
C GLY A 148 -4.38 -1.46 -7.55
N GLU A 149 -4.69 -2.07 -8.69
CA GLU A 149 -3.93 -1.81 -9.92
C GLU A 149 -4.46 -0.57 -10.63
N SER A 150 -3.58 0.40 -10.89
CA SER A 150 -3.98 1.62 -11.58
C SER A 150 -4.51 1.31 -12.99
N ASN A 151 -5.38 2.20 -13.47
CA ASN A 151 -6.02 2.05 -14.77
C ASN A 151 -6.46 3.43 -15.22
N PRO A 152 -6.40 3.76 -16.52
CA PRO A 152 -6.86 5.08 -16.97
C PRO A 152 -8.33 5.33 -16.69
N ASP A 153 -9.13 4.30 -16.47
CA ASP A 153 -10.58 4.42 -16.34
C ASP A 153 -10.91 4.38 -14.86
N ALA A 154 -11.38 5.51 -14.32
CA ALA A 154 -11.66 5.57 -12.89
C ALA A 154 -12.80 4.66 -12.48
N VAL A 155 -13.67 4.27 -13.40
CA VAL A 155 -14.72 3.30 -13.09
C VAL A 155 -14.10 1.95 -12.71
N VAL A 156 -13.11 1.50 -13.49
CA VAL A 156 -12.41 0.26 -13.16
C VAL A 156 -11.72 0.39 -11.81
N GLU A 157 -11.05 1.52 -11.57
CA GLU A 157 -10.31 1.70 -10.33
C GLU A 157 -11.25 1.71 -9.13
N GLY A 158 -12.42 2.32 -9.28
CA GLY A 158 -13.40 2.28 -8.21
C GLY A 158 -13.86 0.87 -7.89
N GLU A 159 -14.11 0.07 -8.92
CA GLU A 159 -14.52 -1.32 -8.69
C GLU A 159 -13.42 -2.10 -7.98
N ARG A 160 -12.16 -1.89 -8.36
CA ARG A 160 -11.06 -2.58 -7.70
C ARG A 160 -10.95 -2.17 -6.24
N SER A 161 -11.13 -0.87 -5.95
CA SER A 161 -11.10 -0.38 -4.57
C SER A 161 -12.23 -1.00 -3.76
N ARG A 162 -13.42 -1.07 -4.37
CA ARG A 162 -14.57 -1.66 -3.69
C ARG A 162 -14.33 -3.13 -3.34
N ARG A 163 -13.72 -3.89 -4.26
CA ARG A 163 -13.45 -5.30 -3.98
C ARG A 163 -12.49 -5.47 -2.81
N VAL A 164 -11.49 -4.58 -2.70
CA VAL A 164 -10.56 -4.65 -1.57
C VAL A 164 -11.29 -4.37 -0.26
N ILE A 165 -12.17 -3.36 -0.23
CA ILE A 165 -12.90 -3.09 1.01
C ILE A 165 -13.78 -4.28 1.39
N LEU A 166 -14.42 -4.91 0.40
CA LEU A 166 -15.23 -6.09 0.70
C LEU A 166 -14.36 -7.22 1.26
N LEU A 167 -13.16 -7.39 0.71
CA LEU A 167 -12.25 -8.40 1.23
C LEU A 167 -11.87 -8.10 2.67
N MET A 168 -11.61 -6.82 2.97
CA MET A 168 -11.29 -6.43 4.34
C MET A 168 -12.46 -6.68 5.29
N GLU A 169 -13.69 -6.46 4.82
CA GLU A 169 -14.86 -6.77 5.65
C GLU A 169 -14.88 -8.25 6.02
N GLN A 170 -14.55 -9.13 5.07
CA GLN A 170 -14.57 -10.56 5.37
C GLN A 170 -13.50 -10.93 6.37
N TRP A 171 -12.31 -10.34 6.25
CA TRP A 171 -11.23 -10.65 7.19
C TRP A 171 -11.53 -10.07 8.57
N LYS A 172 -12.14 -8.88 8.63
CA LYS A 172 -12.49 -8.32 9.94
C LYS A 172 -13.65 -9.07 10.58
N ASN A 173 -14.58 -9.61 9.80
CA ASN A 173 -15.62 -10.46 10.39
C ASN A 173 -14.99 -11.68 11.07
N ARG A 174 -13.94 -12.24 10.46
CA ARG A 174 -13.23 -13.37 11.07
C ARG A 174 -12.43 -12.94 12.29
N ASN A 175 -11.87 -11.72 12.25
CA ASN A 175 -10.97 -11.22 13.28
C ASN A 175 -11.43 -9.82 13.69
N PRO A 176 -12.49 -9.73 14.51
CA PRO A 176 -13.06 -8.40 14.83
C PRO A 176 -12.09 -7.47 15.56
N THR A 177 -11.12 -7.99 16.29
CA THR A 177 -10.20 -7.15 17.04
C THR A 177 -8.87 -6.91 16.31
N ALA A 178 -8.74 -7.37 15.07
CA ALA A 178 -7.49 -7.21 14.34
C ALA A 178 -7.31 -5.77 13.87
N THR A 179 -6.05 -5.33 13.86
CA THR A 179 -5.75 -4.09 13.16
C THR A 179 -5.82 -4.35 11.66
N CYS A 180 -6.03 -3.28 10.91
CA CYS A 180 -6.24 -3.45 9.48
C CYS A 180 -5.73 -2.20 8.78
N VAL A 181 -4.88 -2.38 7.77
CA VAL A 181 -4.48 -1.27 6.91
C VAL A 181 -4.56 -1.75 5.46
N PHE A 182 -5.20 -0.95 4.62
CA PHE A 182 -5.37 -1.37 3.24
C PHE A 182 -5.33 -0.18 2.29
N LYS A 183 -4.87 -0.45 1.08
CA LYS A 183 -4.84 0.57 0.03
C LYS A 183 -6.26 0.83 -0.48
N VAL A 184 -6.59 2.10 -0.71
CA VAL A 184 -7.81 2.50 -1.40
C VAL A 184 -7.36 3.23 -2.66
N LEU A 185 -7.49 2.56 -3.81
CA LEU A 185 -6.90 3.09 -5.04
C LEU A 185 -7.59 4.37 -5.49
N ALA A 186 -8.92 4.38 -5.47
CA ALA A 186 -9.71 5.52 -6.00
C ALA A 186 -10.74 5.93 -4.97
N PRO A 187 -10.31 6.62 -3.91
CA PRO A 187 -11.20 6.85 -2.77
C PRO A 187 -12.29 7.87 -3.03
N TYR A 188 -12.24 8.59 -4.16
CA TYR A 188 -13.21 9.63 -4.48
C TYR A 188 -14.43 9.11 -5.21
N ARG A 189 -14.43 7.84 -5.61
CA ARG A 189 -15.57 7.32 -6.35
C ARG A 189 -16.71 7.02 -5.38
N PRO A 190 -17.97 7.28 -5.78
CA PRO A 190 -19.05 7.26 -4.78
C PRO A 190 -19.29 5.89 -4.17
N GLU A 191 -19.18 4.81 -4.96
CA GLU A 191 -19.35 3.48 -4.38
C GLU A 191 -18.22 3.14 -3.42
N VAL A 192 -17.04 3.75 -3.59
CA VAL A 192 -15.93 3.51 -2.68
C VAL A 192 -16.13 4.29 -1.38
N ILE A 193 -16.51 5.57 -1.49
CA ILE A 193 -16.88 6.35 -0.30
C ILE A 193 -17.93 5.60 0.51
N GLU A 194 -18.95 5.07 -0.17
CA GLU A 194 -20.02 4.36 0.52
C GLU A 194 -19.49 3.15 1.28
N ALA A 195 -18.65 2.35 0.64
CA ALA A 195 -18.06 1.17 1.30
C ALA A 195 -17.16 1.57 2.46
N LEU A 196 -16.37 2.64 2.29
CA LEU A 196 -15.49 3.08 3.38
C LEU A 196 -16.30 3.59 4.56
N HIS A 197 -17.37 4.33 4.28
CA HIS A 197 -18.27 4.74 5.35
C HIS A 197 -18.77 3.54 6.16
N ARG A 198 -19.23 2.50 5.47
CA ARG A 198 -19.77 1.34 6.17
C ARG A 198 -18.69 0.65 6.99
N PHE A 199 -17.46 0.61 6.46
CA PHE A 199 -16.34 0.02 7.19
C PHE A 199 -16.00 0.86 8.42
N GLN A 200 -15.89 2.17 8.24
CA GLN A 200 -15.48 3.03 9.35
C GLN A 200 -16.52 3.03 10.47
N LEU A 201 -17.81 3.03 10.11
CA LEU A 201 -18.87 2.99 11.12
C LEU A 201 -18.74 1.76 12.01
N GLN A 202 -18.38 0.60 11.43
CA GLN A 202 -18.31 -0.61 12.24
C GLN A 202 -16.97 -0.77 12.93
N TRP A 203 -15.87 -0.46 12.25
CA TRP A 203 -14.54 -0.80 12.75
C TRP A 203 -13.69 0.40 13.15
N GLY A 204 -14.18 1.63 12.95
CA GLY A 204 -13.34 2.78 13.14
C GLY A 204 -12.34 2.95 12.01
N GLY A 205 -11.44 3.89 12.19
CA GLY A 205 -10.36 4.10 11.25
C GLY A 205 -10.50 5.40 10.48
N GLY A 206 -9.53 5.62 9.60
CA GLY A 206 -9.51 6.80 8.76
C GLY A 206 -8.47 6.64 7.68
N LEU A 207 -8.41 7.65 6.80
CA LEU A 207 -7.51 7.63 5.65
C LEU A 207 -6.27 8.48 5.86
N VAL A 208 -5.16 8.06 5.27
CA VAL A 208 -3.93 8.83 5.26
C VAL A 208 -3.25 8.72 3.91
N ARG A 209 -2.57 9.80 3.51
CA ARG A 209 -1.79 9.84 2.27
C ARG A 209 -0.30 9.77 2.63
N THR A 210 0.42 8.75 2.06
CA THR A 210 1.86 8.79 2.29
C THR A 210 2.54 9.72 1.30
N PRO A 211 3.67 10.33 1.68
CA PRO A 211 4.33 11.29 0.78
C PRO A 211 5.09 10.62 -0.34
N PHE A 212 5.21 9.29 -0.31
CA PHE A 212 5.85 8.56 -1.39
C PHE A 212 4.91 8.30 -2.55
N SER A 213 3.61 8.47 -2.36
CA SER A 213 2.65 8.24 -3.42
C SER A 213 2.77 9.33 -4.47
N ARG A 214 2.89 8.93 -5.72
CA ARG A 214 3.09 9.90 -6.78
C ARG A 214 1.81 10.67 -7.06
N ASN A 215 1.95 11.84 -7.68
CA ASN A 215 0.80 12.65 -8.05
C ASN A 215 -0.07 11.97 -9.08
N SER A 216 0.44 10.95 -9.75
CA SER A 216 -0.32 10.20 -10.74
C SER A 216 -1.22 9.13 -10.13
N THR A 217 -1.26 9.01 -8.80
CA THR A 217 -2.23 8.13 -8.17
C THR A 217 -2.93 8.85 -7.03
N HIS A 218 -4.22 8.54 -6.84
CA HIS A 218 -5.01 9.08 -5.75
C HIS A 218 -5.04 8.14 -4.56
N GLU A 219 -4.13 7.15 -4.52
CA GLU A 219 -4.21 6.12 -3.49
C GLU A 219 -4.10 6.74 -2.10
N MET A 220 -4.89 6.21 -1.19
CA MET A 220 -4.82 6.56 0.23
C MET A 220 -4.97 5.27 1.00
N TYR A 221 -4.41 5.24 2.20
CA TYR A 221 -4.43 4.03 3.00
C TYR A 221 -5.43 4.22 4.12
N PHE A 222 -6.29 3.23 4.30
CA PHE A 222 -7.21 3.20 5.43
C PHE A 222 -6.58 2.39 6.55
N SER A 223 -6.53 2.96 7.75
CA SER A 223 -6.02 2.26 8.92
C SER A 223 -7.03 2.35 10.04
N THR A 224 -7.25 1.23 10.72
CA THR A 224 -8.12 1.26 11.90
C THR A 224 -7.51 2.03 13.05
N ALA A 225 -6.20 2.33 13.01
CA ALA A 225 -5.53 2.97 14.14
C ALA A 225 -5.68 4.49 14.13
N ILE A 226 -6.19 5.08 13.05
CA ILE A 226 -6.33 6.53 13.01
C ILE A 226 -7.80 6.89 12.92
N THR A 227 -8.09 8.18 12.77
CA THR A 227 -9.47 8.64 12.66
C THR A 227 -9.48 9.78 11.66
N GLY A 228 -10.67 10.30 11.38
CA GLY A 228 -10.80 11.44 10.49
C GLY A 228 -11.96 11.28 9.54
N ASN A 229 -12.56 12.40 9.17
CA ASN A 229 -13.70 12.42 8.27
C ASN A 229 -13.27 11.96 6.88
N ILE A 230 -13.90 10.88 6.38
CA ILE A 230 -13.50 10.30 5.09
C ILE A 230 -13.70 11.29 3.96
N VAL A 231 -14.89 11.89 3.87
CA VAL A 231 -15.17 12.78 2.73
C VAL A 231 -14.21 13.96 2.72
N ASN A 232 -13.95 14.56 3.88
CA ASN A 232 -13.03 15.69 3.94
C ASN A 232 -11.61 15.26 3.60
N SER A 233 -11.18 14.11 4.14
CA SER A 233 -9.84 13.60 3.83
C SER A 233 -9.65 13.44 2.34
N VAL A 234 -10.65 12.87 1.65
CA VAL A 234 -10.53 12.61 0.23
C VAL A 234 -10.49 13.93 -0.55
N ASN A 235 -11.42 14.85 -0.23
CA ASN A 235 -11.48 16.11 -0.98
C ASN A 235 -10.23 16.94 -0.77
N ILE A 236 -9.67 16.96 0.43
CA ILE A 236 -8.42 17.68 0.67
C ILE A 236 -7.31 17.12 -0.22
N GLN A 237 -7.22 15.79 -0.32
CA GLN A 237 -6.22 15.17 -1.17
C GLN A 237 -6.48 15.47 -2.64
N SER A 238 -7.74 15.43 -3.08
CA SER A 238 -8.03 15.78 -4.48
C SER A 238 -7.55 17.19 -4.79
N ARG A 239 -7.86 18.14 -3.90
CA ARG A 239 -7.47 19.53 -4.15
C ARG A 239 -5.96 19.66 -4.23
N LYS A 240 -5.25 18.90 -3.40
CA LYS A 240 -3.79 18.97 -3.41
C LYS A 240 -3.23 18.43 -4.71
N LEU A 241 -3.78 17.31 -5.21
CA LEU A 241 -3.34 16.78 -6.48
C LEU A 241 -3.65 17.74 -7.63
N LEU A 242 -4.81 18.42 -7.58
CA LEU A 242 -5.10 19.42 -8.59
C LEU A 242 -4.13 20.59 -8.53
N ALA A 243 -3.79 21.02 -7.31
CA ALA A 243 -2.88 22.15 -7.18
C ALA A 243 -1.50 21.82 -7.76
N ARG A 244 -1.09 20.55 -7.68
CA ARG A 244 0.25 20.19 -8.11
C ARG A 244 0.43 20.19 -9.62
N PHE A 245 -0.64 20.31 -10.39
CA PHE A 245 -0.48 20.53 -11.83
C PHE A 245 0.20 21.88 -12.03
N GLY A 246 1.36 21.85 -12.68
CA GLY A 246 2.17 23.05 -12.80
C GLY A 246 3.13 23.28 -11.66
N ASP A 247 3.27 22.32 -10.74
CA ASP A 247 4.26 22.43 -9.66
C ASP A 247 5.65 22.22 -10.26
N GLN A 248 6.54 23.17 -10.03
CA GLN A 248 7.85 23.16 -10.67
C GLN A 248 8.91 22.41 -9.86
N ARG A 249 8.53 21.75 -8.77
CA ARG A 249 9.51 20.99 -8.02
C ARG A 249 9.77 19.63 -8.67
N GLY A 250 10.94 19.08 -8.36
CA GLY A 250 11.24 17.71 -8.68
C GLY A 250 10.88 16.83 -7.50
N PRO A 251 11.30 15.57 -7.54
CA PRO A 251 11.08 14.69 -6.38
C PRO A 251 12.00 15.07 -5.23
N THR A 252 11.55 14.72 -4.03
CA THR A 252 12.36 14.87 -2.81
C THR A 252 13.04 13.54 -2.54
N ARG A 253 14.34 13.47 -2.84
CA ARG A 253 15.07 12.20 -2.81
C ARG A 253 15.54 11.88 -1.40
N VAL A 254 15.24 10.66 -0.96
CA VAL A 254 15.62 10.19 0.37
C VAL A 254 16.27 8.82 0.23
N PRO A 255 17.06 8.41 1.22
CA PRO A 255 17.62 7.05 1.17
C PRO A 255 16.53 6.00 1.24
N GLU A 256 16.81 4.85 0.64
CA GLU A 256 15.95 3.68 0.77
C GLU A 256 16.11 3.09 2.16
N ILE A 257 15.05 2.43 2.64
CA ILE A 257 15.08 1.81 3.96
C ILE A 257 15.87 0.51 3.90
N ASP A 258 16.70 0.29 4.92
CA ASP A 258 17.54 -0.91 5.04
C ASP A 258 17.15 -1.59 6.35
N LEU A 259 16.57 -2.78 6.27
CA LEU A 259 16.10 -3.48 7.46
C LEU A 259 17.17 -4.34 8.11
N GLY A 260 18.39 -4.40 7.54
CA GLY A 260 19.39 -5.34 8.00
C GLY A 260 19.04 -6.73 7.54
N VAL A 261 19.93 -7.67 7.85
CA VAL A 261 19.74 -9.05 7.42
C VAL A 261 19.84 -9.98 8.62
N GLY A 262 19.39 -11.22 8.43
CA GLY A 262 19.49 -12.20 9.48
C GLY A 262 18.18 -12.86 9.82
N THR A 263 18.26 -14.01 10.49
CA THR A 263 17.06 -14.66 10.99
C THR A 263 16.65 -14.07 12.33
N ARG A 264 15.47 -14.45 12.79
CA ARG A 264 15.09 -14.22 14.18
C ARG A 264 14.29 -15.41 14.67
N CYS A 265 14.37 -15.66 15.97
CA CYS A 265 13.80 -16.84 16.60
C CYS A 265 12.67 -16.43 17.52
N VAL A 266 11.52 -17.10 17.38
CA VAL A 266 10.32 -16.81 18.17
C VAL A 266 9.89 -15.36 18.00
#